data_8KFK
#
_entry.id   8KFK
#
_cell.length_a   133.771
_cell.length_b   133.771
_cell.length_c   62.230
_cell.angle_alpha   90.000
_cell.angle_beta   90.000
_cell.angle_gamma   120.000
#
_symmetry.space_group_name_H-M   'P 61'
#
loop_
_entity.id
_entity.type
_entity.pdbx_description
1 polymer '6-phosphogluconate dehydrogenase'
2 non-polymer DI(HYDROXYETHYL)ETHER
3 non-polymer 'O-ACETALDEHYDYL-HEXAETHYLENE GLYCOL'
4 water water
#
_entity_poly.entity_id   1
_entity_poly.type   'polypeptide(L)'
_entity_poly.pdbx_seq_one_letter_code
;MKSSNRSENIRVGTENTVGKSKSVTVIGLGPMGKAMAAAFLEHGYKVTVWNRTSNKADELITKGAVRASTVHEALAANEL
VILSLTDYDAMYTILEPASENLSGKVLVNLSSDTPDKAREAAKWLANRGAGHITGGVQVPPSGIGKPESSTYYSGPKEVF
EANKETLEVLTGTDYRGEDPGLAALYYQIQMDMFWTAMLSYLHATAVAQANGITAEQFLPYAAETMSSLPKFIEFYTPRI
NAGEYPGDVDRLAMGMASVEHVVHTTQDAGIDITLPTAVLEVFRRGMENGHAGNSFTSLIEIFKKSDIRP
;
_entity_poly.pdbx_strand_id   A,B
#
loop_
_chem_comp.id
_chem_comp.type
_chem_comp.name
_chem_comp.formula
P4C non-polymer 'O-ACETALDEHYDYL-HEXAETHYLENE GLYCOL' 'C14 H28 O8'
PEG non-polymer DI(HYDROXYETHYL)ETHER 'C4 H10 O3'
#
# COMPACT_ATOMS: atom_id res chain seq x y z
N LYS A 20 19.29 -5.71 41.52
CA LYS A 20 18.91 -4.65 40.59
C LYS A 20 17.53 -4.08 40.96
N SER A 21 17.53 -2.97 41.69
CA SER A 21 16.29 -2.36 42.15
C SER A 21 15.42 -1.90 40.97
N LYS A 22 14.15 -1.63 41.26
CA LYS A 22 13.19 -1.13 40.27
C LYS A 22 13.31 0.40 40.19
N SER A 23 14.29 0.85 39.42
CA SER A 23 14.51 2.26 39.17
C SER A 23 14.84 2.44 37.69
N VAL A 24 14.49 3.61 37.15
CA VAL A 24 14.69 3.87 35.72
C VAL A 24 14.74 5.37 35.50
N THR A 25 15.41 5.77 34.43
CA THR A 25 15.53 7.16 34.01
C THR A 25 14.90 7.27 32.63
N VAL A 26 14.07 8.29 32.43
CA VAL A 26 13.44 8.56 31.14
C VAL A 26 13.92 9.92 30.67
N ILE A 27 14.70 9.94 29.60
CA ILE A 27 15.16 11.16 28.97
C ILE A 27 14.34 11.41 27.72
N GLY A 28 13.80 12.60 27.59
CA GLY A 28 12.89 12.88 26.49
C GLY A 28 11.45 12.73 26.91
N LEU A 29 10.76 13.85 27.07
CA LEU A 29 9.49 13.86 27.78
C LEU A 29 8.32 14.31 26.90
N GLY A 30 8.44 14.18 25.59
CA GLY A 30 7.32 14.36 24.71
C GLY A 30 6.26 13.32 24.98
N PRO A 31 5.17 13.34 24.20
CA PRO A 31 4.06 12.41 24.46
C PRO A 31 4.48 10.97 24.75
N MET A 32 5.55 10.49 24.10
CA MET A 32 5.95 9.10 24.28
C MET A 32 6.69 8.90 25.61
N GLY A 33 7.66 9.76 25.92
CA GLY A 33 8.34 9.66 27.19
C GLY A 33 7.41 9.77 28.39
N LYS A 34 6.46 10.70 28.34
CA LYS A 34 5.53 10.87 29.45
C LYS A 34 4.73 9.60 29.71
N ALA A 35 4.34 8.90 28.64
CA ALA A 35 3.60 7.64 28.79
C ALA A 35 4.47 6.55 29.39
N MET A 36 5.65 6.30 28.81
CA MET A 36 6.59 5.32 29.36
C MET A 36 6.82 5.58 30.84
N ALA A 37 7.18 6.81 31.20
CA ALA A 37 7.41 7.15 32.60
C ALA A 37 6.20 6.84 33.48
N ALA A 38 5.00 7.22 33.02
CA ALA A 38 3.80 6.89 33.78
C ALA A 38 3.60 5.39 33.90
N ALA A 39 3.83 4.65 32.81
CA ALA A 39 3.74 3.19 32.87
C ALA A 39 4.69 2.63 33.94
N PHE A 40 5.92 3.13 33.98
CA PHE A 40 6.89 2.65 34.98
C PHE A 40 6.45 3.03 36.39
N LEU A 41 5.96 4.26 36.59
CA LEU A 41 5.47 4.65 37.92
C LEU A 41 4.35 3.69 38.39
N GLU A 42 3.39 3.41 37.53
CA GLU A 42 2.23 2.57 37.95
C GLU A 42 2.66 1.12 38.12
N HIS A 43 3.92 0.77 37.80
CA HIS A 43 4.43 -0.57 38.05
C HIS A 43 5.50 -0.58 39.12
N GLY A 44 5.53 0.42 39.99
CA GLY A 44 6.39 0.38 41.16
C GLY A 44 7.84 0.79 40.95
N TYR A 45 8.18 1.45 39.84
CA TYR A 45 9.55 1.91 39.64
C TYR A 45 9.70 3.32 40.21
N LYS A 46 10.84 3.56 40.84
CA LYS A 46 11.30 4.92 41.08
C LYS A 46 11.79 5.50 39.75
N VAL A 47 11.17 6.58 39.30
CA VAL A 47 11.38 7.10 37.96
C VAL A 47 11.96 8.51 38.07
N THR A 48 13.17 8.69 37.52
CA THR A 48 13.77 10.00 37.35
C THR A 48 13.66 10.41 35.88
N VAL A 49 13.46 11.71 35.67
CA VAL A 49 13.13 12.24 34.36
C VAL A 49 13.93 13.52 34.09
N TRP A 50 14.04 13.82 32.80
CA TRP A 50 14.73 15.07 32.39
C TRP A 50 14.22 15.46 31.02
N ASN A 51 13.91 16.74 30.86
CA ASN A 51 13.57 17.26 29.52
C ASN A 51 14.11 18.68 29.53
N ARG A 52 14.21 19.30 28.36
CA ARG A 52 14.79 20.67 28.30
C ARG A 52 13.81 21.67 28.92
N THR A 53 12.52 21.57 28.60
CA THR A 53 11.50 22.54 29.10
C THR A 53 11.49 22.71 30.62
N SER A 54 11.39 21.61 31.38
CA SER A 54 11.38 21.64 32.87
C SER A 54 9.95 21.60 33.39
N ASN A 55 8.97 21.99 32.57
CA ASN A 55 7.58 22.04 33.08
C ASN A 55 6.82 20.84 32.51
N LYS A 56 7.36 20.23 31.46
CA LYS A 56 6.67 19.12 30.78
C LYS A 56 6.62 17.90 31.70
N ALA A 57 7.17 18.01 32.91
CA ALA A 57 7.23 16.87 33.83
C ALA A 57 6.27 17.10 34.99
N ASP A 58 5.59 18.25 35.00
CA ASP A 58 4.74 18.61 36.16
C ASP A 58 3.78 17.47 36.53
N GLU A 59 2.96 17.02 35.60
CA GLU A 59 1.95 15.97 35.86
C GLU A 59 2.63 14.68 36.34
N LEU A 60 3.74 14.28 35.74
CA LEU A 60 4.42 13.01 36.10
C LEU A 60 5.03 13.13 37.51
N ILE A 61 5.48 14.32 37.90
CA ILE A 61 6.02 14.55 39.26
C ILE A 61 4.88 14.47 40.29
N THR A 62 3.71 15.00 39.96
CA THR A 62 2.55 14.92 40.87
C THR A 62 2.21 13.44 41.07
N LYS A 63 2.56 12.60 40.09
CA LYS A 63 2.33 11.17 40.18
C LYS A 63 3.50 10.42 40.81
N GLY A 64 4.55 11.11 41.24
CA GLY A 64 5.66 10.48 41.96
C GLY A 64 7.00 10.48 41.25
N ALA A 65 7.11 11.00 40.03
CA ALA A 65 8.40 11.05 39.35
C ALA A 65 9.33 12.07 40.01
N VAL A 66 10.64 11.83 39.85
CA VAL A 66 11.69 12.72 40.34
C VAL A 66 12.34 13.37 39.11
N ARG A 67 12.35 14.69 39.05
CA ARG A 67 13.02 15.39 37.95
C ARG A 67 14.49 15.62 38.26
N ALA A 68 15.34 15.18 37.35
CA ALA A 68 16.73 15.60 37.38
C ALA A 68 16.84 16.96 36.67
N SER A 69 17.47 17.92 37.35
CA SER A 69 17.62 19.25 36.75
C SER A 69 18.55 19.22 35.56
N THR A 70 19.54 18.32 35.57
CA THR A 70 20.57 18.27 34.55
C THR A 70 20.73 16.85 34.01
N VAL A 71 21.35 16.78 32.83
CA VAL A 71 21.63 15.51 32.19
C VAL A 71 22.54 14.66 33.06
N HIS A 72 23.56 15.29 33.66
CA HIS A 72 24.52 14.55 34.48
C HIS A 72 23.82 13.83 35.63
N GLU A 73 22.94 14.53 36.34
CA GLU A 73 22.19 13.89 37.41
C GLU A 73 21.26 12.81 36.88
N ALA A 74 20.56 13.11 35.77
CA ALA A 74 19.66 12.14 35.17
C ALA A 74 20.38 10.82 34.93
N LEU A 75 21.60 10.88 34.38
CA LEU A 75 22.34 9.67 34.05
C LEU A 75 22.89 8.99 35.29
N ALA A 76 23.28 9.77 36.30
CA ALA A 76 23.79 9.18 37.54
C ALA A 76 22.69 8.47 38.34
N ALA A 77 21.43 8.78 38.07
CA ALA A 77 20.38 8.29 38.95
C ALA A 77 20.17 6.78 38.80
N ASN A 78 20.50 6.20 37.66
CA ASN A 78 20.14 4.81 37.42
C ASN A 78 21.08 4.17 36.41
N GLU A 79 21.09 2.84 36.41
CA GLU A 79 21.75 2.10 35.35
C GLU A 79 20.93 2.12 34.06
N LEU A 80 19.62 1.91 34.16
CA LEU A 80 18.76 1.82 32.99
C LEU A 80 18.22 3.20 32.64
N VAL A 81 18.46 3.63 31.39
CA VAL A 81 18.07 4.94 30.89
C VAL A 81 17.22 4.73 29.64
N ILE A 82 16.05 5.33 29.59
CA ILE A 82 15.17 5.20 28.43
C ILE A 82 15.19 6.52 27.69
N LEU A 83 15.51 6.46 26.39
CA LEU A 83 15.59 7.64 25.53
C LEU A 83 14.41 7.65 24.57
N SER A 84 13.64 8.73 24.61
CA SER A 84 12.55 8.95 23.67
C SER A 84 12.78 10.33 23.05
N LEU A 85 13.59 10.38 22.00
CA LEU A 85 13.97 11.63 21.38
C LEU A 85 13.52 11.67 19.92
N THR A 86 13.52 12.89 19.36
CA THR A 86 13.06 13.10 18.00
C THR A 86 13.85 12.26 17.00
N ASP A 87 15.17 12.23 17.14
CA ASP A 87 16.05 11.33 16.39
C ASP A 87 17.41 11.38 17.06
N TYR A 88 18.41 10.76 16.43
CA TYR A 88 19.72 10.60 17.04
C TYR A 88 20.55 11.89 17.05
N ASP A 89 20.29 12.84 16.15
CA ASP A 89 20.92 14.16 16.33
C ASP A 89 20.57 14.73 17.69
N ALA A 90 19.32 14.54 18.12
CA ALA A 90 18.93 14.97 19.46
C ALA A 90 19.68 14.20 20.54
N MET A 91 19.99 12.92 20.29
CA MET A 91 20.72 12.14 21.29
C MET A 91 22.12 12.67 21.53
N TYR A 92 22.82 13.13 20.48
CA TYR A 92 24.18 13.60 20.69
C TYR A 92 24.20 14.99 21.33
N THR A 93 23.28 15.88 20.91
CA THR A 93 23.17 17.21 21.51
C THR A 93 23.12 17.16 23.02
N ILE A 94 22.35 16.23 23.57
CA ILE A 94 22.12 16.19 25.01
C ILE A 94 23.02 15.18 25.69
N LEU A 95 23.42 14.12 24.99
CA LEU A 95 24.34 13.17 25.60
C LEU A 95 25.81 13.55 25.44
N GLU A 96 26.15 14.34 24.43
CA GLU A 96 27.58 14.61 24.17
C GLU A 96 28.24 15.29 25.37
N PRO A 97 27.68 16.37 25.96
CA PRO A 97 28.34 17.07 27.05
C PRO A 97 28.38 16.28 28.36
N ALA A 98 27.86 15.06 28.40
CA ALA A 98 27.91 14.19 29.61
C ALA A 98 28.55 12.85 29.25
N SER A 99 29.37 12.82 28.21
CA SER A 99 29.95 11.54 27.73
C SER A 99 30.59 10.76 28.89
N GLU A 100 31.01 11.46 29.93
CA GLU A 100 31.75 10.81 31.04
C GLU A 100 30.87 9.87 31.88
N ASN A 101 29.60 10.19 32.05
CA ASN A 101 28.77 9.37 32.96
C ASN A 101 27.96 8.33 32.18
N LEU A 102 28.38 8.00 30.97
CA LEU A 102 27.67 7.00 30.15
C LEU A 102 28.20 5.61 30.49
N SER A 103 29.32 5.54 31.19
CA SER A 103 29.94 4.22 31.44
C SER A 103 29.10 3.36 32.39
N GLY A 104 28.83 2.11 32.01
CA GLY A 104 28.08 1.17 32.88
C GLY A 104 26.60 1.33 32.70
N LYS A 105 26.21 2.21 31.80
CA LYS A 105 24.77 2.50 31.65
C LYS A 105 24.21 1.63 30.55
N VAL A 106 22.94 1.32 30.62
CA VAL A 106 22.27 0.61 29.50
C VAL A 106 21.27 1.60 28.91
N LEU A 107 21.56 2.16 27.74
CA LEU A 107 20.65 3.09 27.13
C LEU A 107 19.75 2.35 26.17
N VAL A 108 18.46 2.65 26.26
CA VAL A 108 17.46 2.17 25.33
C VAL A 108 17.02 3.37 24.50
N ASN A 109 17.42 3.38 23.24
CA ASN A 109 16.98 4.38 22.26
C ASN A 109 15.69 3.95 21.61
N LEU A 110 14.61 4.65 21.97
CA LEU A 110 13.28 4.44 21.44
C LEU A 110 12.90 5.50 20.41
N SER A 111 13.88 5.99 19.64
CA SER A 111 13.67 7.00 18.61
C SER A 111 13.65 6.34 17.24
N SER A 112 12.99 7.00 16.29
CA SER A 112 12.62 6.40 15.00
C SER A 112 13.46 6.96 13.87
N ASP A 113 14.74 6.63 13.86
CA ASP A 113 15.67 7.07 12.84
C ASP A 113 16.04 5.88 11.93
N THR A 114 17.00 6.10 11.04
CA THR A 114 17.38 5.06 10.11
C THR A 114 18.19 3.97 10.81
N PRO A 115 18.26 2.77 10.21
CA PRO A 115 19.14 1.74 10.76
C PRO A 115 20.59 2.19 10.90
N ASP A 116 21.15 2.87 9.90
CA ASP A 116 22.55 3.28 9.98
C ASP A 116 22.78 4.23 11.15
N LYS A 117 21.85 5.17 11.40
CA LYS A 117 22.02 6.03 12.57
C LYS A 117 21.93 5.25 13.88
N ALA A 118 21.19 4.13 13.88
CA ALA A 118 21.15 3.31 15.09
C ALA A 118 22.45 2.54 15.28
N ARG A 119 23.02 2.02 14.19
CA ARG A 119 24.31 1.35 14.30
C ARG A 119 25.40 2.34 14.72
N GLU A 120 25.40 3.54 14.15
CA GLU A 120 26.38 4.56 14.55
C GLU A 120 26.26 4.87 16.03
N ALA A 121 25.03 5.04 16.53
CA ALA A 121 24.85 5.45 17.91
C ALA A 121 25.22 4.32 18.86
N ALA A 122 24.96 3.08 18.46
CA ALA A 122 25.37 1.94 19.28
C ALA A 122 26.87 1.89 19.42
N LYS A 123 27.58 2.18 18.35
CA LYS A 123 29.04 2.15 18.43
C LYS A 123 29.55 3.37 19.21
N TRP A 124 28.89 4.53 19.07
CA TRP A 124 29.26 5.72 19.84
C TRP A 124 29.05 5.50 21.34
N LEU A 125 27.99 4.78 21.71
CA LEU A 125 27.71 4.51 23.12
C LEU A 125 28.69 3.49 23.68
N ALA A 126 28.86 2.37 22.99
CA ALA A 126 29.80 1.36 23.46
C ALA A 126 31.22 1.94 23.61
N ASN A 127 31.60 2.90 22.77
CA ASN A 127 32.92 3.53 22.91
C ASN A 127 33.02 4.45 24.12
N ARG A 128 31.89 4.86 24.71
CA ARG A 128 31.90 5.58 25.98
C ARG A 128 31.53 4.65 27.15
N GLY A 129 31.59 3.34 26.94
CA GLY A 129 31.35 2.37 27.99
C GLY A 129 29.90 1.95 28.21
N ALA A 130 28.93 2.42 27.42
CA ALA A 130 27.52 2.12 27.68
C ALA A 130 27.00 0.96 26.82
N GLY A 131 26.38 -0.02 27.47
CA GLY A 131 25.53 -0.95 26.75
C GLY A 131 24.34 -0.23 26.13
N HIS A 132 23.74 -0.87 25.14
CA HIS A 132 22.73 -0.20 24.33
C HIS A 132 21.72 -1.19 23.79
N ILE A 133 20.49 -0.71 23.63
CA ILE A 133 19.39 -1.45 23.00
C ILE A 133 18.62 -0.48 22.13
N THR A 134 18.34 -0.90 20.89
CA THR A 134 17.49 -0.12 19.99
C THR A 134 16.07 -0.65 20.04
N GLY A 135 15.12 0.26 20.06
CA GLY A 135 13.71 -0.12 19.97
C GLY A 135 12.96 0.68 18.92
N GLY A 136 12.02 0.01 18.25
CA GLY A 136 11.10 0.67 17.35
C GLY A 136 9.68 0.52 17.86
N VAL A 137 9.03 1.62 18.16
CA VAL A 137 7.74 1.59 18.82
C VAL A 137 6.63 1.58 17.77
N GLN A 138 5.75 0.57 17.86
CA GLN A 138 4.67 0.37 16.92
C GLN A 138 3.34 0.97 17.38
N VAL A 139 3.36 1.89 18.35
CA VAL A 139 2.08 2.36 18.88
C VAL A 139 2.17 3.81 19.33
N PRO A 140 1.06 4.54 19.27
CA PRO A 140 1.02 5.88 19.84
C PRO A 140 1.28 5.84 21.34
N PRO A 141 1.55 6.98 21.95
CA PRO A 141 1.80 7.01 23.41
C PRO A 141 0.76 6.29 24.25
N SER A 142 -0.51 6.24 23.83
CA SER A 142 -1.53 5.68 24.69
C SER A 142 -1.62 4.15 24.63
N GLY A 143 -0.89 3.54 23.70
CA GLY A 143 -0.79 2.10 23.65
C GLY A 143 0.28 1.55 24.55
N ILE A 144 1.06 2.44 25.17
CA ILE A 144 2.08 2.05 26.13
C ILE A 144 1.43 1.55 27.41
N GLY A 145 1.93 0.44 27.93
CA GLY A 145 1.29 -0.17 29.08
C GLY A 145 0.09 -1.01 28.73
N LYS A 146 -0.06 -1.40 27.48
CA LYS A 146 -1.01 -2.44 27.11
C LYS A 146 -0.24 -3.65 26.60
N PRO A 147 -0.48 -4.85 27.14
CA PRO A 147 0.22 -6.03 26.63
C PRO A 147 -0.08 -6.31 25.16
N GLU A 148 -1.19 -5.81 24.63
CA GLU A 148 -1.49 -5.99 23.21
C GLU A 148 -0.37 -5.42 22.32
N SER A 149 0.29 -4.35 22.75
CA SER A 149 1.24 -3.64 21.91
C SER A 149 2.59 -4.36 21.85
N SER A 150 3.34 -4.06 20.79
CA SER A 150 4.70 -4.57 20.61
C SER A 150 5.67 -3.44 20.25
N THR A 151 6.94 -3.73 20.50
CA THR A 151 8.02 -2.85 20.12
C THR A 151 9.15 -3.71 19.59
N TYR A 152 9.71 -3.31 18.45
CA TYR A 152 10.92 -3.95 17.98
C TYR A 152 12.09 -3.61 18.89
N TYR A 153 12.92 -4.61 19.16
CA TYR A 153 14.15 -4.41 19.90
C TYR A 153 15.28 -5.11 19.17
N SER A 154 16.42 -4.46 19.11
CA SER A 154 17.57 -5.10 18.50
C SER A 154 18.82 -4.65 19.24
N GLY A 155 19.88 -5.44 19.07
CA GLY A 155 21.13 -5.17 19.73
C GLY A 155 21.64 -6.42 20.45
N PRO A 156 22.75 -6.28 21.18
CA PRO A 156 23.37 -7.45 21.82
C PRO A 156 22.37 -8.24 22.66
N LYS A 157 22.34 -9.55 22.42
CA LYS A 157 21.31 -10.44 22.95
C LYS A 157 21.26 -10.40 24.48
N GLU A 158 22.42 -10.50 25.12
CA GLU A 158 22.44 -10.62 26.58
C GLU A 158 21.95 -9.35 27.26
N VAL A 159 22.36 -8.18 26.79
CA VAL A 159 21.89 -6.96 27.45
C VAL A 159 20.37 -6.84 27.32
N PHE A 160 19.81 -7.25 26.17
CA PHE A 160 18.37 -7.18 26.02
C PHE A 160 17.67 -8.18 26.94
N GLU A 161 18.16 -9.42 27.00
CA GLU A 161 17.53 -10.40 27.89
C GLU A 161 17.58 -9.95 29.35
N ALA A 162 18.72 -9.39 29.79
CA ALA A 162 18.83 -8.90 31.16
C ALA A 162 17.88 -7.73 31.44
N ASN A 163 17.32 -7.09 30.42
CA ASN A 163 16.37 -6.02 30.63
C ASN A 163 14.98 -6.32 30.10
N LYS A 164 14.77 -7.51 29.55
CA LYS A 164 13.50 -7.90 28.94
C LYS A 164 12.31 -7.56 29.83
N GLU A 165 12.33 -8.05 31.08
CA GLU A 165 11.18 -7.88 31.96
C GLU A 165 10.81 -6.41 32.11
N THR A 166 11.79 -5.55 32.40
CA THR A 166 11.50 -4.13 32.55
C THR A 166 10.85 -3.57 31.31
N LEU A 167 11.37 -3.90 30.13
CA LEU A 167 10.80 -3.35 28.90
C LEU A 167 9.38 -3.85 28.63
N GLU A 168 8.99 -5.00 29.19
CA GLU A 168 7.61 -5.44 29.01
C GLU A 168 6.62 -4.64 29.86
N VAL A 169 7.09 -3.78 30.79
CA VAL A 169 6.20 -2.81 31.42
C VAL A 169 5.53 -1.93 30.37
N LEU A 170 6.27 -1.59 29.32
CA LEU A 170 5.82 -0.63 28.34
C LEU A 170 4.98 -1.28 27.25
N THR A 171 5.48 -2.39 26.70
CA THR A 171 4.82 -3.12 25.61
C THR A 171 5.34 -4.55 25.63
N GLY A 172 4.69 -5.41 24.85
CA GLY A 172 5.36 -6.63 24.44
C GLY A 172 6.65 -6.32 23.72
N THR A 173 7.56 -7.28 23.67
CA THR A 173 8.84 -7.07 23.00
C THR A 173 9.01 -8.08 21.88
N ASP A 174 9.49 -7.60 20.75
CA ASP A 174 9.79 -8.40 19.57
C ASP A 174 11.29 -8.23 19.27
N TYR A 175 12.12 -8.95 20.02
CA TYR A 175 13.54 -8.88 19.76
C TYR A 175 13.82 -9.41 18.37
N ARG A 176 14.50 -8.61 17.54
CA ARG A 176 14.67 -8.95 16.14
C ARG A 176 16.06 -9.46 15.80
N GLY A 177 17.04 -9.36 16.69
CA GLY A 177 18.39 -9.79 16.36
C GLY A 177 19.52 -8.95 16.89
N GLU A 178 20.76 -9.33 16.55
CA GLU A 178 21.93 -8.67 17.13
C GLU A 178 22.15 -7.28 16.54
N ASP A 179 22.17 -7.18 15.21
CA ASP A 179 22.37 -5.92 14.49
C ASP A 179 21.57 -4.79 15.15
N PRO A 180 22.23 -3.77 15.72
CA PRO A 180 21.47 -2.72 16.42
C PRO A 180 20.50 -2.00 15.51
N GLY A 181 20.65 -2.14 14.20
CA GLY A 181 19.81 -1.41 13.27
C GLY A 181 18.47 -2.05 12.96
N LEU A 182 18.24 -3.27 13.43
CA LEU A 182 17.11 -4.03 12.92
C LEU A 182 15.80 -3.46 13.39
N ALA A 183 15.75 -2.96 14.62
CA ALA A 183 14.50 -2.38 15.12
C ALA A 183 14.08 -1.22 14.23
N ALA A 184 14.97 -0.25 14.04
CA ALA A 184 14.69 0.88 13.17
C ALA A 184 14.31 0.42 11.77
N LEU A 185 14.98 -0.62 11.26
CA LEU A 185 14.70 -1.13 9.93
C LEU A 185 13.23 -1.55 9.80
N TYR A 186 12.81 -2.44 10.68
CA TYR A 186 11.44 -2.95 10.61
C TYR A 186 10.44 -1.82 10.70
N TYR A 187 10.75 -0.80 11.50
CA TYR A 187 9.84 0.34 11.57
C TYR A 187 9.80 1.08 10.23
N GLN A 188 10.97 1.28 9.63
CA GLN A 188 11.06 2.14 8.44
C GLN A 188 10.35 1.51 7.25
N ILE A 189 10.46 0.20 7.09
CA ILE A 189 9.87 -0.40 5.91
C ILE A 189 8.35 -0.52 6.05
N GLN A 190 7.84 -0.61 7.28
CA GLN A 190 6.40 -0.45 7.45
C GLN A 190 5.96 0.98 7.16
N MET A 191 6.79 1.97 7.48
CA MET A 191 6.53 3.35 7.01
C MET A 191 6.55 3.41 5.50
N ASP A 192 7.56 2.78 4.86
CA ASP A 192 7.66 2.80 3.40
C ASP A 192 6.32 2.44 2.79
N MET A 193 5.74 1.35 3.28
CA MET A 193 4.49 0.85 2.75
C MET A 193 3.33 1.75 3.14
N PHE A 194 3.29 2.17 4.40
CA PHE A 194 2.15 2.93 4.89
C PHE A 194 1.99 4.24 4.12
N TRP A 195 3.06 5.06 4.04
CA TRP A 195 2.98 6.34 3.37
C TRP A 195 2.72 6.18 1.88
N THR A 196 3.42 5.25 1.24
CA THR A 196 3.20 5.07 -0.19
C THR A 196 1.77 4.60 -0.46
N ALA A 197 1.27 3.65 0.34
CA ALA A 197 -0.07 3.13 0.11
C ALA A 197 -1.13 4.18 0.43
N MET A 198 -0.99 4.89 1.55
CA MET A 198 -1.95 5.94 1.88
C MET A 198 -1.97 7.04 0.82
N LEU A 199 -0.82 7.46 0.29
CA LEU A 199 -0.85 8.48 -0.76
C LEU A 199 -1.56 8.02 -2.02
N SER A 200 -1.43 6.74 -2.37
CA SER A 200 -2.16 6.23 -3.50
C SER A 200 -3.65 6.24 -3.21
N TYR A 201 -4.05 6.08 -1.95
CA TYR A 201 -5.46 6.24 -1.62
C TYR A 201 -5.91 7.68 -1.82
N LEU A 202 -5.12 8.65 -1.30
CA LEU A 202 -5.43 10.06 -1.54
C LEU A 202 -5.45 10.36 -3.03
N HIS A 203 -4.51 9.81 -3.78
CA HIS A 203 -4.48 10.05 -5.21
C HIS A 203 -5.72 9.47 -5.88
N ALA A 204 -6.05 8.23 -5.56
CA ALA A 204 -7.26 7.61 -6.10
C ALA A 204 -8.50 8.41 -5.72
N THR A 205 -8.57 8.91 -4.49
CA THR A 205 -9.74 9.67 -4.09
C THR A 205 -9.87 10.93 -4.94
N ALA A 206 -8.77 11.66 -5.14
CA ALA A 206 -8.81 12.86 -5.96
C ALA A 206 -9.37 12.55 -7.34
N VAL A 207 -8.92 11.45 -7.93
CA VAL A 207 -9.42 11.07 -9.25
C VAL A 207 -10.92 10.78 -9.19
N ALA A 208 -11.34 10.00 -8.18
CA ALA A 208 -12.76 9.76 -7.95
C ALA A 208 -13.53 11.07 -7.88
N GLN A 209 -13.16 11.95 -6.94
CA GLN A 209 -13.90 13.19 -6.73
C GLN A 209 -13.99 14.01 -8.02
N ALA A 210 -12.89 14.04 -8.79
CA ALA A 210 -12.89 14.84 -10.01
C ALA A 210 -13.86 14.30 -11.06
N ASN A 211 -14.18 13.00 -11.00
CA ASN A 211 -15.21 12.38 -11.82
C ASN A 211 -16.57 12.33 -11.11
N GLY A 212 -16.76 13.15 -10.08
CA GLY A 212 -18.06 13.29 -9.44
C GLY A 212 -18.42 12.24 -8.39
N ILE A 213 -17.53 11.32 -8.08
CA ILE A 213 -17.80 10.29 -7.09
C ILE A 213 -17.10 10.65 -5.79
N THR A 214 -17.88 10.73 -4.70
CA THR A 214 -17.41 11.25 -3.42
C THR A 214 -16.55 10.24 -2.70
N ALA A 215 -15.85 10.69 -1.67
CA ALA A 215 -14.94 9.84 -0.88
C ALA A 215 -15.73 8.81 -0.06
N GLU A 216 -16.94 9.14 0.35
CA GLU A 216 -17.82 8.21 1.09
C GLU A 216 -18.30 7.12 0.14
N GLN A 217 -18.54 7.45 -1.12
CA GLN A 217 -18.93 6.44 -2.12
C GLN A 217 -17.75 5.52 -2.44
N PHE A 218 -16.53 6.02 -2.38
CA PHE A 218 -15.33 5.23 -2.72
C PHE A 218 -14.85 4.41 -1.52
N LEU A 219 -15.13 4.87 -0.30
CA LEU A 219 -14.69 4.22 0.96
C LEU A 219 -14.71 2.69 0.86
N PRO A 220 -15.86 2.05 0.55
CA PRO A 220 -15.93 0.59 0.51
C PRO A 220 -14.90 -0.09 -0.41
N TYR A 221 -14.68 0.46 -1.59
CA TYR A 221 -13.75 -0.12 -2.59
C TYR A 221 -12.29 0.09 -2.17
N ALA A 222 -11.97 1.28 -1.69
CA ALA A 222 -10.61 1.57 -1.23
C ALA A 222 -10.25 0.68 -0.03
N ALA A 223 -11.20 0.40 0.86
CA ALA A 223 -10.94 -0.42 2.06
C ALA A 223 -10.78 -1.90 1.70
N GLU A 224 -11.58 -2.39 0.77
CA GLU A 224 -11.45 -3.79 0.32
C GLU A 224 -10.14 -3.97 -0.46
N THR A 225 -9.69 -2.95 -1.17
CA THR A 225 -8.48 -3.05 -2.01
C THR A 225 -7.28 -3.16 -1.07
N MET A 226 -7.25 -2.33 -0.06
CA MET A 226 -6.18 -2.46 0.93
C MET A 226 -6.35 -3.76 1.72
N SER A 227 -7.61 -4.14 2.03
CA SER A 227 -7.85 -5.37 2.79
C SER A 227 -7.36 -6.61 2.08
N SER A 228 -7.43 -6.64 0.76
CA SER A 228 -7.08 -7.85 0.03
C SER A 228 -5.58 -7.98 -0.26
N LEU A 229 -4.78 -6.97 0.06
CA LEU A 229 -3.34 -7.07 -0.23
C LEU A 229 -2.65 -8.20 0.52
N PRO A 230 -2.91 -8.44 1.81
CA PRO A 230 -2.26 -9.59 2.47
C PRO A 230 -2.38 -10.90 1.70
N LYS A 231 -3.51 -11.12 1.03
CA LYS A 231 -3.65 -12.33 0.20
C LYS A 231 -2.63 -12.36 -0.93
N PHE A 232 -2.49 -11.26 -1.67
CA PHE A 232 -1.49 -11.21 -2.74
C PHE A 232 -0.08 -11.31 -2.17
N ILE A 233 0.18 -10.60 -1.07
CA ILE A 233 1.51 -10.69 -0.46
C ILE A 233 1.80 -12.12 0.00
N GLU A 234 0.84 -12.77 0.65
CA GLU A 234 1.06 -14.17 1.03
C GLU A 234 1.33 -15.05 -0.19
N PHE A 235 0.57 -14.88 -1.26
CA PHE A 235 0.78 -15.73 -2.43
C PHE A 235 2.18 -15.58 -3.01
N TYR A 236 2.65 -14.34 -3.15
CA TYR A 236 3.94 -14.13 -3.79
C TYR A 236 5.13 -14.38 -2.86
N THR A 237 4.94 -14.38 -1.54
CA THR A 237 6.08 -14.45 -0.61
C THR A 237 7.02 -15.63 -0.86
N PRO A 238 6.56 -16.86 -1.02
CA PRO A 238 7.54 -17.96 -1.22
C PRO A 238 8.30 -17.87 -2.54
N ARG A 239 7.70 -17.31 -3.60
CA ARG A 239 8.44 -17.09 -4.83
C ARG A 239 9.51 -16.01 -4.62
N ILE A 240 9.08 -14.82 -4.21
CA ILE A 240 10.00 -13.73 -3.92
C ILE A 240 11.13 -14.25 -3.03
N ASN A 241 10.75 -14.97 -1.98
CA ASN A 241 11.71 -15.46 -1.01
C ASN A 241 12.76 -16.36 -1.64
N ALA A 242 12.39 -17.11 -2.67
CA ALA A 242 13.32 -17.93 -3.41
C ALA A 242 13.91 -17.22 -4.63
N GLY A 243 13.73 -15.90 -4.76
CA GLY A 243 14.27 -15.18 -5.91
C GLY A 243 13.75 -15.65 -7.25
N GLU A 244 12.50 -16.09 -7.31
CA GLU A 244 11.91 -16.62 -8.53
C GLU A 244 10.69 -15.79 -8.92
N TYR A 245 10.56 -15.48 -10.21
CA TYR A 245 9.51 -14.57 -10.69
C TYR A 245 8.86 -15.10 -11.96
N PRO A 246 8.34 -16.32 -11.92
CA PRO A 246 7.73 -16.89 -13.14
C PRO A 246 6.47 -16.14 -13.52
N GLY A 247 6.15 -16.19 -14.81
CA GLY A 247 5.00 -15.45 -15.29
C GLY A 247 3.73 -16.27 -15.45
N ASP A 248 3.40 -17.13 -14.47
CA ASP A 248 2.28 -18.05 -14.66
C ASP A 248 0.93 -17.43 -14.29
N VAL A 249 0.90 -16.43 -13.42
CA VAL A 249 -0.37 -15.78 -13.06
C VAL A 249 -0.39 -14.31 -13.39
N ASP A 250 0.73 -13.69 -13.71
CA ASP A 250 0.75 -12.30 -14.16
C ASP A 250 2.01 -12.07 -14.97
N ARG A 251 1.95 -11.10 -15.87
CA ARG A 251 3.06 -10.73 -16.72
C ARG A 251 3.39 -9.27 -16.48
N LEU A 252 4.67 -8.98 -16.29
CA LEU A 252 5.12 -7.59 -16.23
C LEU A 252 4.54 -6.76 -17.37
N ALA A 253 4.58 -7.30 -18.60
CA ALA A 253 4.12 -6.53 -19.75
C ALA A 253 2.66 -6.11 -19.59
N MET A 254 1.80 -7.06 -19.18
CA MET A 254 0.40 -6.70 -18.93
C MET A 254 0.28 -5.72 -17.76
N GLY A 255 1.20 -5.79 -16.81
CA GLY A 255 1.12 -4.88 -15.68
C GLY A 255 1.43 -3.45 -16.08
N MET A 256 2.49 -3.26 -16.87
CA MET A 256 2.82 -1.90 -17.33
C MET A 256 1.68 -1.28 -18.12
N ALA A 257 1.00 -2.09 -18.95
CA ALA A 257 -0.17 -1.59 -19.67
C ALA A 257 -1.27 -1.16 -18.70
N SER A 258 -1.48 -1.92 -17.64
CA SER A 258 -2.46 -1.51 -16.65
C SER A 258 -2.06 -0.21 -15.97
N VAL A 259 -0.77 -0.08 -15.58
CA VAL A 259 -0.29 1.17 -15.01
C VAL A 259 -0.48 2.31 -16.01
N GLU A 260 -0.25 2.03 -17.30
CA GLU A 260 -0.43 3.04 -18.34
C GLU A 260 -1.87 3.55 -18.36
N HIS A 261 -2.84 2.63 -18.40
CA HIS A 261 -4.24 3.02 -18.29
C HIS A 261 -4.47 3.91 -17.08
N VAL A 262 -3.88 3.55 -15.93
CA VAL A 262 -4.11 4.36 -14.72
C VAL A 262 -3.61 5.79 -14.94
N VAL A 263 -2.42 5.96 -15.51
CA VAL A 263 -1.91 7.32 -15.71
C VAL A 263 -2.83 8.10 -16.65
N HIS A 264 -3.29 7.48 -17.73
CA HIS A 264 -4.22 8.14 -18.69
C HIS A 264 -5.53 8.54 -18.00
N THR A 265 -6.05 7.70 -17.11
CA THR A 265 -7.25 8.09 -16.35
C THR A 265 -6.95 9.26 -15.45
N THR A 266 -5.82 9.18 -14.73
CA THR A 266 -5.44 10.29 -13.85
C THR A 266 -5.30 11.60 -14.62
N GLN A 267 -4.74 11.62 -15.82
CA GLN A 267 -4.52 12.92 -16.48
C GLN A 267 -5.84 13.39 -17.15
N ASP A 268 -6.72 12.48 -17.51
CA ASP A 268 -8.02 12.92 -18.01
C ASP A 268 -8.84 13.56 -16.92
N ALA A 269 -8.61 13.18 -15.67
CA ALA A 269 -9.30 13.84 -14.56
C ALA A 269 -8.67 15.17 -14.18
N GLY A 270 -7.53 15.52 -14.78
CA GLY A 270 -6.80 16.69 -14.33
C GLY A 270 -6.08 16.50 -13.01
N ILE A 271 -5.69 15.28 -12.67
CA ILE A 271 -5.07 15.02 -11.38
C ILE A 271 -3.56 14.84 -11.57
N ASP A 272 -2.80 15.28 -10.57
CA ASP A 272 -1.34 15.19 -10.64
C ASP A 272 -0.88 13.74 -10.88
N ILE A 273 0.11 13.59 -11.77
CA ILE A 273 0.56 12.28 -12.26
C ILE A 273 1.85 11.80 -11.60
N THR A 274 2.45 12.61 -10.71
CA THR A 274 3.70 12.25 -10.05
C THR A 274 3.70 10.81 -9.55
N LEU A 275 2.71 10.47 -8.72
CA LEU A 275 2.72 9.17 -8.06
C LEU A 275 2.63 8.02 -9.06
N PRO A 276 1.62 7.95 -9.92
CA PRO A 276 1.54 6.79 -10.82
C PRO A 276 2.62 6.76 -11.89
N THR A 277 3.20 7.89 -12.28
CA THR A 277 4.28 7.81 -13.26
C THR A 277 5.57 7.32 -12.63
N ALA A 278 5.82 7.62 -11.36
CA ALA A 278 6.93 6.96 -10.67
C ALA A 278 6.75 5.44 -10.71
N VAL A 279 5.56 4.96 -10.36
CA VAL A 279 5.23 3.53 -10.50
C VAL A 279 5.54 3.03 -11.91
N LEU A 280 5.11 3.80 -12.93
CA LEU A 280 5.32 3.38 -14.31
C LEU A 280 6.80 3.36 -14.67
N GLU A 281 7.58 4.28 -14.11
CA GLU A 281 9.01 4.27 -14.37
C GLU A 281 9.60 2.92 -13.99
N VAL A 282 9.25 2.43 -12.79
CA VAL A 282 9.77 1.13 -12.33
C VAL A 282 9.43 0.04 -13.33
N PHE A 283 8.16 -0.05 -13.76
CA PHE A 283 7.77 -1.03 -14.77
C PHE A 283 8.60 -0.86 -16.03
N ARG A 284 8.91 0.39 -16.38
CA ARG A 284 9.66 0.64 -17.60
C ARG A 284 11.08 0.06 -17.48
N ARG A 285 11.75 0.36 -16.37
CA ARG A 285 13.06 -0.25 -16.14
C ARG A 285 12.99 -1.77 -16.19
N GLY A 286 11.87 -2.36 -15.74
CA GLY A 286 11.73 -3.81 -15.81
C GLY A 286 11.62 -4.32 -17.23
N MET A 287 10.77 -3.68 -18.03
CA MET A 287 10.66 -4.08 -19.42
C MET A 287 12.01 -3.94 -20.12
N GLU A 288 12.65 -2.79 -19.94
CA GLU A 288 13.94 -2.53 -20.56
C GLU A 288 14.93 -3.62 -20.20
N ASN A 289 14.73 -4.32 -19.08
CA ASN A 289 15.81 -5.19 -18.69
C ASN A 289 15.49 -6.63 -19.05
N GLY A 290 14.45 -6.85 -19.85
CA GLY A 290 14.13 -8.17 -20.37
C GLY A 290 13.21 -9.01 -19.52
N HIS A 291 12.34 -8.38 -18.71
CA HIS A 291 11.49 -9.13 -17.80
C HIS A 291 10.04 -9.12 -18.22
N ALA A 292 9.77 -8.75 -19.47
CA ALA A 292 8.40 -8.69 -19.97
C ALA A 292 7.61 -9.90 -19.50
N GLY A 293 8.20 -11.08 -19.64
CA GLY A 293 7.53 -12.34 -19.35
C GLY A 293 7.62 -12.82 -17.91
N ASN A 294 8.27 -12.07 -17.04
CA ASN A 294 8.30 -12.45 -15.64
C ASN A 294 7.07 -11.93 -14.93
N SER A 295 6.86 -12.42 -13.71
CA SER A 295 5.92 -11.78 -12.82
C SER A 295 6.32 -10.31 -12.63
N PHE A 296 5.32 -9.48 -12.36
CA PHE A 296 5.64 -8.10 -11.99
C PHE A 296 6.45 -8.04 -10.70
N THR A 297 6.42 -9.08 -9.86
CA THR A 297 7.22 -9.07 -8.64
C THR A 297 8.72 -9.10 -8.91
N SER A 298 9.15 -9.49 -10.11
CA SER A 298 10.56 -9.34 -10.49
C SER A 298 11.02 -7.88 -10.46
N LEU A 299 10.10 -6.92 -10.33
CA LEU A 299 10.51 -5.53 -10.18
C LEU A 299 11.33 -5.32 -8.91
N ILE A 300 11.35 -6.32 -8.03
CA ILE A 300 12.17 -6.19 -6.82
C ILE A 300 13.65 -6.22 -7.18
N GLU A 301 14.03 -6.92 -8.25
CA GLU A 301 15.41 -6.84 -8.73
C GLU A 301 15.72 -5.44 -9.21
N ILE A 302 14.77 -4.81 -9.93
CA ILE A 302 14.96 -3.39 -10.28
C ILE A 302 15.25 -2.58 -9.04
N PHE A 303 14.47 -2.77 -7.97
CA PHE A 303 14.71 -1.99 -6.76
C PHE A 303 16.11 -2.26 -6.19
N LYS A 304 16.62 -3.47 -6.37
CA LYS A 304 17.93 -3.81 -5.82
C LYS A 304 19.05 -3.43 -6.78
N LYS A 305 18.71 -2.81 -7.90
CA LYS A 305 19.70 -2.35 -8.87
C LYS A 305 20.49 -3.51 -9.45
N SER A 306 19.86 -4.70 -9.49
CA SER A 306 20.47 -5.85 -10.16
C SER A 306 20.89 -5.50 -11.59
N ASP A 307 20.18 -4.58 -12.24
CA ASP A 307 20.53 -4.13 -13.58
C ASP A 307 21.65 -3.09 -13.60
N ILE A 308 22.12 -2.62 -12.46
CA ILE A 308 23.11 -1.54 -12.40
C ILE A 308 24.43 -2.11 -11.92
N ARG A 309 25.50 -1.68 -12.59
CA ARG A 309 26.85 -2.26 -12.34
C ARG A 309 27.41 -1.91 -10.97
N PRO A 310 28.02 -2.90 -10.29
CA PRO A 310 28.60 -2.71 -8.96
C PRO A 310 30.11 -2.49 -9.00
N SER B 23 -28.05 -19.58 -25.59
CA SER B 23 -28.68 -18.60 -24.68
C SER B 23 -27.66 -17.50 -24.35
N VAL B 24 -26.40 -17.71 -24.72
CA VAL B 24 -25.37 -16.67 -24.49
C VAL B 24 -24.20 -16.88 -25.45
N THR B 25 -23.43 -15.83 -25.71
CA THR B 25 -22.22 -15.95 -26.58
C THR B 25 -21.03 -15.33 -25.85
N VAL B 26 -19.84 -15.91 -26.00
CA VAL B 26 -18.64 -15.25 -25.41
C VAL B 26 -17.66 -14.96 -26.53
N ILE B 27 -17.07 -13.76 -26.54
CA ILE B 27 -16.06 -13.42 -27.58
C ILE B 27 -14.72 -13.09 -26.92
N GLY B 28 -13.67 -13.81 -27.31
CA GLY B 28 -12.33 -13.51 -26.76
C GLY B 28 -11.84 -14.57 -25.80
N LEU B 29 -11.79 -15.82 -26.24
CA LEU B 29 -11.32 -16.94 -25.38
C LEU B 29 -9.95 -16.57 -24.82
N GLY B 30 -9.79 -16.67 -23.50
CA GLY B 30 -8.53 -16.27 -22.86
C GLY B 30 -8.71 -16.17 -21.38
N PRO B 31 -7.80 -15.48 -20.66
CA PRO B 31 -7.91 -15.27 -19.22
C PRO B 31 -9.34 -15.38 -18.68
N MET B 32 -10.05 -14.25 -18.55
CA MET B 32 -11.46 -14.28 -18.09
C MET B 32 -12.33 -15.02 -19.11
N GLY B 33 -12.04 -14.84 -20.39
CA GLY B 33 -12.89 -15.45 -21.43
C GLY B 33 -13.40 -16.84 -21.06
N LYS B 34 -12.54 -17.86 -21.15
CA LYS B 34 -13.05 -19.24 -20.92
C LYS B 34 -13.49 -19.34 -19.46
N ALA B 35 -12.82 -18.61 -18.58
CA ALA B 35 -13.25 -18.60 -17.16
C ALA B 35 -14.75 -18.31 -17.11
N MET B 36 -15.27 -17.65 -18.14
CA MET B 36 -16.72 -17.32 -18.17
C MET B 36 -17.44 -18.35 -19.03
N ALA B 37 -16.83 -18.76 -20.14
CA ALA B 37 -17.44 -19.80 -21.01
C ALA B 37 -17.68 -21.04 -20.15
N ALA B 38 -16.64 -21.47 -19.44
CA ALA B 38 -16.78 -22.65 -18.57
C ALA B 38 -17.99 -22.47 -17.67
N ALA B 39 -18.02 -21.39 -16.88
CA ALA B 39 -19.11 -21.22 -15.88
C ALA B 39 -20.44 -20.87 -16.58
N PHE B 40 -20.48 -20.92 -17.91
CA PHE B 40 -21.76 -20.71 -18.62
C PHE B 40 -22.29 -22.08 -19.02
N LEU B 41 -21.53 -22.80 -19.86
CA LEU B 41 -22.00 -24.11 -20.37
C LEU B 41 -22.40 -24.96 -19.16
N GLU B 42 -21.95 -24.56 -17.97
CA GLU B 42 -22.29 -25.29 -16.73
C GLU B 42 -23.62 -24.79 -16.16
N HIS B 43 -24.57 -24.42 -17.03
CA HIS B 43 -25.91 -24.01 -16.53
C HIS B 43 -27.00 -24.25 -17.59
N GLY B 44 -26.65 -24.39 -18.87
CA GLY B 44 -27.65 -24.75 -19.86
C GLY B 44 -28.07 -23.66 -20.83
N TYR B 45 -27.13 -22.87 -21.32
CA TYR B 45 -27.38 -21.92 -22.39
C TYR B 45 -26.79 -22.44 -23.70
N LYS B 46 -27.47 -22.17 -24.80
CA LYS B 46 -26.87 -22.36 -26.11
C LYS B 46 -25.72 -21.37 -26.24
N VAL B 47 -24.49 -21.87 -26.09
CA VAL B 47 -23.30 -21.03 -25.97
C VAL B 47 -22.48 -21.15 -27.24
N THR B 48 -22.41 -20.07 -28.01
CA THR B 48 -21.48 -19.98 -29.12
C THR B 48 -20.19 -19.30 -28.65
N VAL B 49 -19.16 -19.33 -29.50
CA VAL B 49 -17.86 -18.77 -29.17
C VAL B 49 -17.13 -18.39 -30.47
N TRP B 50 -15.99 -17.72 -30.30
CA TRP B 50 -15.21 -17.19 -31.42
C TRP B 50 -13.97 -16.50 -30.87
N ASN B 51 -12.87 -16.50 -31.61
CA ASN B 51 -11.65 -15.87 -31.15
C ASN B 51 -11.03 -15.06 -32.28
N ARG B 52 -10.34 -13.98 -31.88
CA ARG B 52 -9.69 -13.05 -32.80
C ARG B 52 -8.72 -13.77 -33.74
N THR B 53 -7.63 -14.29 -33.17
CA THR B 53 -6.66 -15.03 -33.96
C THR B 53 -7.28 -16.22 -34.68
N SER B 54 -8.51 -16.59 -34.35
CA SER B 54 -9.25 -17.63 -35.06
C SER B 54 -8.65 -19.02 -34.88
N ASN B 55 -7.97 -19.19 -33.74
CA ASN B 55 -7.26 -20.47 -33.51
C ASN B 55 -8.13 -21.49 -32.79
N LYS B 56 -7.51 -22.35 -31.98
CA LYS B 56 -8.25 -23.47 -31.35
C LYS B 56 -8.86 -23.02 -30.03
N ALA B 57 -8.38 -23.55 -28.89
CA ALA B 57 -9.05 -23.25 -27.61
C ALA B 57 -10.52 -23.62 -27.79
N ASP B 58 -10.83 -24.87 -28.14
CA ASP B 58 -12.23 -25.24 -28.48
C ASP B 58 -12.67 -26.49 -27.70
N GLU B 59 -11.82 -26.99 -26.80
CA GLU B 59 -12.20 -28.15 -25.96
C GLU B 59 -13.59 -27.91 -25.38
N LEU B 60 -13.93 -26.65 -25.12
CA LEU B 60 -15.24 -26.33 -24.49
C LEU B 60 -16.36 -26.76 -25.45
N ILE B 61 -16.02 -27.22 -26.65
CA ILE B 61 -17.08 -27.78 -27.55
C ILE B 61 -17.58 -29.07 -26.89
N THR B 62 -16.84 -29.59 -25.90
CA THR B 62 -17.27 -30.80 -25.17
C THR B 62 -18.27 -30.43 -24.08
N LYS B 63 -18.73 -29.17 -24.05
CA LYS B 63 -19.77 -28.85 -23.05
C LYS B 63 -20.98 -28.15 -23.69
N GLY B 64 -21.08 -28.09 -25.03
CA GLY B 64 -22.29 -27.53 -25.66
C GLY B 64 -22.05 -26.18 -26.30
N ALA B 65 -20.95 -26.04 -27.05
CA ALA B 65 -20.52 -24.79 -27.65
C ALA B 65 -20.39 -24.94 -29.15
N VAL B 66 -21.20 -24.21 -29.90
CA VAL B 66 -20.97 -24.01 -31.32
C VAL B 66 -19.93 -22.93 -31.49
N ARG B 67 -19.12 -23.03 -32.54
CA ARG B 67 -18.10 -22.02 -32.82
C ARG B 67 -18.20 -21.62 -34.29
N ALA B 68 -18.68 -20.41 -34.52
CA ALA B 68 -18.96 -19.94 -35.87
C ALA B 68 -17.68 -19.63 -36.62
N SER B 69 -17.78 -19.64 -37.96
CA SER B 69 -16.66 -19.35 -38.84
C SER B 69 -16.47 -17.86 -39.09
N THR B 70 -17.33 -17.02 -38.53
CA THR B 70 -17.12 -15.58 -38.51
C THR B 70 -17.90 -15.02 -37.34
N VAL B 71 -17.72 -13.73 -37.08
CA VAL B 71 -18.53 -13.07 -36.06
C VAL B 71 -19.94 -12.80 -36.55
N HIS B 72 -20.15 -12.74 -37.87
CA HIS B 72 -21.49 -12.52 -38.40
C HIS B 72 -22.51 -13.41 -37.72
N GLU B 73 -22.25 -14.73 -37.71
CA GLU B 73 -23.18 -15.66 -37.07
C GLU B 73 -23.01 -15.68 -35.56
N ALA B 74 -21.78 -15.63 -35.07
CA ALA B 74 -21.61 -15.71 -33.61
C ALA B 74 -22.41 -14.58 -32.95
N LEU B 75 -22.74 -13.55 -33.73
CA LEU B 75 -23.55 -12.43 -33.22
C LEU B 75 -25.03 -12.79 -33.38
N ALA B 76 -25.38 -13.33 -34.54
CA ALA B 76 -26.80 -13.64 -34.82
C ALA B 76 -27.23 -14.90 -34.06
N ALA B 77 -26.31 -15.49 -33.31
CA ALA B 77 -26.65 -16.68 -32.50
C ALA B 77 -27.55 -16.29 -31.33
N ASN B 78 -27.14 -15.32 -30.53
CA ASN B 78 -27.92 -14.95 -29.32
C ASN B 78 -28.04 -13.44 -29.17
N GLU B 79 -28.91 -12.97 -28.27
CA GLU B 79 -29.11 -11.52 -28.04
C GLU B 79 -28.01 -11.04 -27.10
N LEU B 80 -27.65 -11.85 -26.11
CA LEU B 80 -26.58 -11.47 -25.22
C LEU B 80 -25.25 -11.86 -25.82
N VAL B 81 -24.27 -10.96 -25.68
CA VAL B 81 -22.91 -11.22 -26.14
C VAL B 81 -21.93 -10.61 -25.14
N ILE B 82 -20.91 -11.38 -24.78
CA ILE B 82 -19.91 -10.98 -23.80
C ILE B 82 -18.59 -10.77 -24.53
N LEU B 83 -18.02 -9.57 -24.38
CA LEU B 83 -16.78 -9.17 -25.05
C LEU B 83 -15.65 -9.15 -24.03
N SER B 84 -14.74 -10.09 -24.14
CA SER B 84 -13.55 -10.15 -23.30
C SER B 84 -12.33 -10.02 -24.19
N LEU B 85 -12.12 -8.83 -24.72
CA LEU B 85 -11.04 -8.59 -25.67
C LEU B 85 -9.81 -8.04 -24.97
N THR B 86 -8.67 -8.17 -25.66
CA THR B 86 -7.43 -7.58 -25.18
C THR B 86 -7.62 -6.11 -24.85
N ASP B 87 -8.05 -5.31 -25.83
CA ASP B 87 -8.42 -3.93 -25.57
C ASP B 87 -9.44 -3.45 -26.60
N TYR B 88 -9.96 -2.23 -26.35
CA TYR B 88 -11.08 -1.71 -27.13
C TYR B 88 -10.75 -1.60 -28.62
N ASP B 89 -9.49 -1.32 -28.96
CA ASP B 89 -9.13 -1.22 -30.37
C ASP B 89 -9.50 -2.49 -31.12
N ALA B 90 -9.34 -3.65 -30.48
CA ALA B 90 -9.69 -4.90 -31.12
C ALA B 90 -11.19 -5.04 -31.31
N MET B 91 -11.99 -4.33 -30.51
CA MET B 91 -13.44 -4.41 -30.64
C MET B 91 -13.90 -3.85 -31.98
N TYR B 92 -13.45 -2.63 -32.31
CA TYR B 92 -13.82 -2.04 -33.59
C TYR B 92 -13.40 -2.94 -34.75
N THR B 93 -12.24 -3.56 -34.63
CA THR B 93 -11.67 -4.29 -35.76
C THR B 93 -12.56 -5.45 -36.19
N ILE B 94 -12.99 -6.27 -35.23
CA ILE B 94 -13.77 -7.46 -35.58
C ILE B 94 -15.25 -7.15 -35.75
N LEU B 95 -15.78 -6.17 -35.01
CA LEU B 95 -17.21 -5.91 -35.02
C LEU B 95 -17.64 -5.01 -36.16
N GLU B 96 -16.74 -4.19 -36.70
CA GLU B 96 -17.08 -3.34 -37.83
C GLU B 96 -17.59 -4.15 -39.02
N PRO B 97 -16.93 -5.23 -39.44
CA PRO B 97 -17.48 -6.03 -40.54
C PRO B 97 -18.93 -6.41 -40.35
N ALA B 98 -19.35 -6.70 -39.11
CA ALA B 98 -20.69 -7.20 -38.84
C ALA B 98 -21.62 -6.13 -38.27
N SER B 99 -21.28 -4.84 -38.43
CA SER B 99 -22.05 -3.79 -37.76
C SER B 99 -23.53 -3.83 -38.13
N GLU B 100 -23.88 -4.43 -39.27
CA GLU B 100 -25.28 -4.56 -39.64
C GLU B 100 -26.05 -5.54 -38.77
N ASN B 101 -25.36 -6.37 -37.98
CA ASN B 101 -26.00 -7.35 -37.13
C ASN B 101 -25.81 -7.07 -35.65
N LEU B 102 -25.07 -6.03 -35.28
CA LEU B 102 -25.05 -5.61 -33.88
C LEU B 102 -26.42 -5.18 -33.40
N SER B 103 -27.34 -5.00 -34.32
CA SER B 103 -28.55 -4.22 -34.07
C SER B 103 -29.59 -5.10 -33.40
N GLY B 104 -30.06 -4.68 -32.22
CA GLY B 104 -30.95 -5.47 -31.40
C GLY B 104 -30.26 -6.37 -30.40
N LYS B 105 -28.94 -6.40 -30.39
CA LYS B 105 -28.15 -7.18 -29.46
C LYS B 105 -27.88 -6.38 -28.20
N VAL B 106 -27.51 -7.08 -27.15
CA VAL B 106 -27.01 -6.47 -25.93
C VAL B 106 -25.57 -6.93 -25.79
N LEU B 107 -24.63 -6.00 -25.89
CA LEU B 107 -23.22 -6.31 -25.86
C LEU B 107 -22.72 -5.98 -24.46
N VAL B 108 -22.22 -6.99 -23.75
CA VAL B 108 -21.58 -6.78 -22.46
C VAL B 108 -20.08 -6.69 -22.73
N ASN B 109 -19.53 -5.51 -22.52
CA ASN B 109 -18.14 -5.23 -22.86
C ASN B 109 -17.31 -5.19 -21.56
N LEU B 110 -16.50 -6.23 -21.36
CA LEU B 110 -15.69 -6.39 -20.16
C LEU B 110 -14.28 -5.99 -20.56
N SER B 111 -13.80 -4.87 -20.03
CA SER B 111 -12.51 -4.34 -20.46
C SER B 111 -11.70 -3.88 -19.25
N SER B 112 -10.49 -3.45 -19.53
CA SER B 112 -9.63 -2.86 -18.51
C SER B 112 -9.21 -1.43 -18.90
N ASP B 113 -9.95 -0.80 -19.81
CA ASP B 113 -9.52 0.45 -20.42
C ASP B 113 -10.11 1.66 -19.70
N THR B 114 -9.67 2.84 -20.14
CA THR B 114 -10.00 4.08 -19.47
C THR B 114 -11.49 4.40 -19.63
N PRO B 115 -12.03 5.24 -18.75
CA PRO B 115 -13.44 5.62 -18.90
C PRO B 115 -13.77 6.20 -20.29
N ASP B 116 -12.90 7.03 -20.87
CA ASP B 116 -13.23 7.68 -22.15
C ASP B 116 -13.37 6.63 -23.24
N LYS B 117 -12.48 5.65 -23.26
CA LYS B 117 -12.59 4.56 -24.26
C LYS B 117 -13.89 3.76 -24.07
N ALA B 118 -14.28 3.45 -22.82
CA ALA B 118 -15.57 2.78 -22.59
C ALA B 118 -16.75 3.58 -23.17
N ARG B 119 -16.77 4.89 -22.92
CA ARG B 119 -17.91 5.67 -23.38
C ARG B 119 -17.82 6.00 -24.87
N GLU B 120 -16.61 6.14 -25.44
CA GLU B 120 -16.51 6.08 -26.90
C GLU B 120 -17.11 4.79 -27.44
N ALA B 121 -16.72 3.64 -26.86
CA ALA B 121 -17.22 2.36 -27.36
C ALA B 121 -18.73 2.28 -27.26
N ALA B 122 -19.30 2.74 -26.14
CA ALA B 122 -20.73 2.60 -25.95
C ALA B 122 -21.50 3.35 -27.02
N LYS B 123 -21.05 4.57 -27.36
CA LYS B 123 -21.77 5.33 -28.37
C LYS B 123 -21.68 4.64 -29.70
N TRP B 124 -20.50 4.10 -30.02
CA TRP B 124 -20.33 3.39 -31.27
C TRP B 124 -21.35 2.28 -31.39
N LEU B 125 -21.54 1.52 -30.31
CA LEU B 125 -22.49 0.40 -30.31
C LEU B 125 -23.93 0.89 -30.31
N ALA B 126 -24.22 1.97 -29.58
CA ALA B 126 -25.57 2.51 -29.60
C ALA B 126 -25.97 2.99 -30.99
N ASN B 127 -25.00 3.47 -31.77
CA ASN B 127 -25.29 3.99 -33.10
C ASN B 127 -25.47 2.89 -34.12
N ARG B 128 -25.30 1.63 -33.72
CA ARG B 128 -25.62 0.47 -34.52
C ARG B 128 -26.93 -0.18 -34.11
N GLY B 129 -27.64 0.41 -33.15
CA GLY B 129 -28.88 -0.15 -32.68
C GLY B 129 -28.74 -1.16 -31.55
N ALA B 130 -27.57 -1.30 -30.95
CA ALA B 130 -27.33 -2.32 -29.93
C ALA B 130 -27.48 -1.72 -28.54
N GLY B 131 -27.84 -2.59 -27.59
CA GLY B 131 -27.68 -2.23 -26.19
C GLY B 131 -26.28 -2.52 -25.68
N HIS B 132 -25.91 -1.89 -24.57
CA HIS B 132 -24.56 -2.06 -24.08
C HIS B 132 -24.54 -1.99 -22.56
N ILE B 133 -23.57 -2.72 -21.99
CA ILE B 133 -23.26 -2.69 -20.58
C ILE B 133 -21.74 -2.71 -20.47
N THR B 134 -21.18 -1.77 -19.71
CA THR B 134 -19.75 -1.73 -19.50
C THR B 134 -19.41 -2.44 -18.20
N GLY B 135 -18.48 -3.38 -18.25
CA GLY B 135 -18.11 -4.18 -17.09
C GLY B 135 -16.67 -3.97 -16.66
N GLY B 136 -16.47 -3.89 -15.35
CA GLY B 136 -15.14 -3.82 -14.78
C GLY B 136 -14.85 -5.00 -13.85
N VAL B 137 -14.24 -6.05 -14.37
CA VAL B 137 -14.01 -7.26 -13.60
C VAL B 137 -13.01 -6.99 -12.49
N GLN B 138 -13.34 -7.42 -11.27
CA GLN B 138 -12.51 -7.12 -10.12
C GLN B 138 -11.58 -8.25 -9.73
N VAL B 139 -11.62 -9.38 -10.42
CA VAL B 139 -10.88 -10.56 -9.98
C VAL B 139 -10.27 -11.28 -11.16
N PRO B 140 -9.13 -11.93 -10.97
CA PRO B 140 -8.55 -12.79 -12.02
C PRO B 140 -9.57 -13.81 -12.52
N PRO B 141 -9.28 -14.50 -13.62
CA PRO B 141 -10.23 -15.51 -14.12
C PRO B 141 -10.53 -16.59 -13.09
N SER B 142 -9.67 -16.77 -12.10
CA SER B 142 -9.94 -17.73 -11.03
C SER B 142 -11.11 -17.30 -10.16
N GLY B 143 -11.39 -16.00 -10.11
CA GLY B 143 -12.51 -15.46 -9.38
C GLY B 143 -13.83 -15.53 -10.11
N ILE B 144 -13.91 -16.28 -11.22
CA ILE B 144 -15.15 -16.45 -11.96
C ILE B 144 -16.03 -17.46 -11.22
N SER B 149 -16.46 -12.18 -4.86
CA SER B 149 -16.26 -11.93 -6.31
C SER B 149 -17.32 -10.91 -6.77
N SER B 150 -16.87 -9.76 -7.27
CA SER B 150 -17.80 -8.70 -7.74
C SER B 150 -17.28 -8.08 -9.02
N THR B 151 -18.15 -7.38 -9.72
CA THR B 151 -17.82 -6.74 -10.97
C THR B 151 -18.51 -5.38 -11.01
N TYR B 152 -17.82 -4.40 -11.56
CA TYR B 152 -18.46 -3.12 -11.83
C TYR B 152 -19.29 -3.23 -13.10
N TYR B 153 -20.44 -2.56 -13.08
CA TYR B 153 -21.30 -2.45 -14.24
C TYR B 153 -21.88 -1.05 -14.32
N SER B 154 -21.86 -0.48 -15.51
CA SER B 154 -22.50 0.80 -15.75
C SER B 154 -23.08 0.80 -17.17
N GLY B 155 -23.91 1.81 -17.45
CA GLY B 155 -24.65 1.88 -18.69
C GLY B 155 -26.14 2.04 -18.44
N PRO B 156 -26.95 2.00 -19.50
CA PRO B 156 -28.40 2.09 -19.33
C PRO B 156 -28.93 1.13 -18.30
N LYS B 157 -29.61 1.64 -17.27
CA LYS B 157 -30.06 0.80 -16.12
C LYS B 157 -31.00 -0.32 -16.57
N GLU B 158 -31.96 0.02 -17.41
CA GLU B 158 -32.94 -0.98 -17.79
C GLU B 158 -32.28 -2.19 -18.45
N VAL B 159 -31.29 -1.96 -19.31
CA VAL B 159 -30.67 -3.10 -20.01
C VAL B 159 -29.81 -3.92 -19.05
N PHE B 160 -29.30 -3.30 -17.99
CA PHE B 160 -28.54 -4.05 -17.00
C PHE B 160 -29.47 -4.91 -16.16
N GLU B 161 -30.54 -4.32 -15.62
CA GLU B 161 -31.46 -5.10 -14.80
C GLU B 161 -32.01 -6.29 -15.59
N ALA B 162 -32.24 -6.12 -16.89
CA ALA B 162 -32.78 -7.19 -17.72
C ALA B 162 -31.84 -8.38 -17.84
N ASN B 163 -30.52 -8.18 -17.76
CA ASN B 163 -29.59 -9.28 -17.90
C ASN B 163 -28.85 -9.53 -16.60
N LYS B 164 -29.40 -9.00 -15.51
CA LYS B 164 -28.75 -9.07 -14.21
C LYS B 164 -28.44 -10.52 -13.82
N GLU B 165 -29.48 -11.34 -13.75
CA GLU B 165 -29.32 -12.75 -13.31
C GLU B 165 -28.29 -13.48 -14.16
N THR B 166 -28.36 -13.31 -15.46
CA THR B 166 -27.35 -13.96 -16.30
C THR B 166 -25.95 -13.53 -15.88
N LEU B 167 -25.75 -12.24 -15.61
CA LEU B 167 -24.42 -11.78 -15.23
C LEU B 167 -24.02 -12.32 -13.86
N GLU B 168 -24.96 -12.46 -12.93
CA GLU B 168 -24.64 -12.97 -11.60
C GLU B 168 -24.06 -14.38 -11.63
N VAL B 169 -24.16 -15.09 -12.75
CA VAL B 169 -23.48 -16.38 -12.88
C VAL B 169 -21.97 -16.19 -12.84
N LEU B 170 -21.45 -15.16 -13.51
CA LEU B 170 -20.01 -14.97 -13.65
C LEU B 170 -19.39 -14.48 -12.35
N THR B 171 -19.91 -13.38 -11.81
CA THR B 171 -19.48 -12.84 -10.52
C THR B 171 -20.66 -12.07 -9.95
N GLY B 172 -20.50 -11.59 -8.72
CA GLY B 172 -21.46 -10.63 -8.19
C GLY B 172 -21.48 -9.38 -9.04
N THR B 173 -22.63 -8.72 -9.07
CA THR B 173 -22.82 -7.53 -9.88
C THR B 173 -22.93 -6.30 -8.99
N ASP B 174 -22.32 -5.19 -9.43
CA ASP B 174 -22.29 -3.98 -8.63
C ASP B 174 -22.52 -2.80 -9.58
N TYR B 175 -23.79 -2.60 -9.92
CA TYR B 175 -24.17 -1.52 -10.82
C TYR B 175 -23.80 -0.19 -10.21
N ARG B 176 -23.13 0.67 -11.00
CA ARG B 176 -22.63 1.94 -10.50
C ARG B 176 -23.34 3.15 -11.07
N GLY B 177 -24.15 2.99 -12.09
CA GLY B 177 -24.86 4.14 -12.58
C GLY B 177 -24.93 4.13 -14.08
N GLU B 178 -25.31 5.27 -14.62
CA GLU B 178 -25.72 5.39 -16.01
C GLU B 178 -24.55 5.58 -16.98
N ASP B 179 -23.58 6.41 -16.63
CA ASP B 179 -22.43 6.68 -17.49
C ASP B 179 -21.70 5.39 -17.84
N PRO B 180 -21.49 5.07 -19.11
CA PRO B 180 -20.79 3.82 -19.45
C PRO B 180 -19.33 3.80 -19.01
N GLY B 181 -18.75 4.95 -18.66
CA GLY B 181 -17.38 5.02 -18.18
C GLY B 181 -17.21 4.81 -16.68
N LEU B 182 -18.30 4.79 -15.90
CA LEU B 182 -18.18 4.62 -14.45
C LEU B 182 -17.54 3.28 -14.10
N ALA B 183 -17.90 2.22 -14.82
CA ALA B 183 -17.35 0.90 -14.51
C ALA B 183 -15.85 0.85 -14.75
N ALA B 184 -15.39 1.42 -15.87
CA ALA B 184 -13.94 1.55 -16.11
C ALA B 184 -13.30 2.42 -15.06
N LEU B 185 -13.93 3.53 -14.71
CA LEU B 185 -13.33 4.44 -13.75
C LEU B 185 -13.08 3.72 -12.43
N TYR B 186 -14.10 3.05 -11.91
CA TYR B 186 -13.97 2.33 -10.64
C TYR B 186 -12.88 1.28 -10.72
N TYR B 187 -12.76 0.61 -11.85
CA TYR B 187 -11.69 -0.35 -12.01
C TYR B 187 -10.34 0.35 -11.89
N GLN B 188 -10.20 1.49 -12.58
CA GLN B 188 -8.91 2.14 -12.70
C GLN B 188 -8.43 2.69 -11.36
N ILE B 189 -9.33 3.20 -10.53
CA ILE B 189 -8.87 3.72 -9.24
C ILE B 189 -8.59 2.59 -8.24
N GLN B 190 -9.16 1.42 -8.46
CA GLN B 190 -8.74 0.25 -7.64
C GLN B 190 -7.31 -0.11 -8.09
N MET B 191 -7.06 -0.12 -9.40
CA MET B 191 -5.73 -0.51 -9.87
C MET B 191 -4.71 0.54 -9.51
N ASP B 192 -5.12 1.81 -9.43
CA ASP B 192 -4.23 2.84 -8.92
C ASP B 192 -3.65 2.41 -7.58
N MET B 193 -4.53 2.03 -6.64
CA MET B 193 -4.10 1.71 -5.30
C MET B 193 -3.32 0.40 -5.29
N PHE B 194 -3.85 -0.61 -5.96
CA PHE B 194 -3.20 -1.91 -5.97
C PHE B 194 -1.76 -1.79 -6.47
N TRP B 195 -1.57 -1.16 -7.64
CA TRP B 195 -0.22 -1.14 -8.20
C TRP B 195 0.74 -0.35 -7.32
N THR B 196 0.28 0.77 -6.78
CA THR B 196 1.18 1.61 -6.00
C THR B 196 1.51 0.96 -4.65
N ALA B 197 0.49 0.39 -3.97
CA ALA B 197 0.75 -0.25 -2.69
C ALA B 197 1.59 -1.51 -2.86
N MET B 198 1.35 -2.27 -3.92
CA MET B 198 2.10 -3.52 -4.14
C MET B 198 3.57 -3.23 -4.46
N LEU B 199 3.87 -2.17 -5.22
CA LEU B 199 5.27 -1.80 -5.41
C LEU B 199 5.90 -1.27 -4.15
N SER B 200 5.16 -0.57 -3.31
CA SER B 200 5.79 -0.17 -2.06
C SER B 200 6.12 -1.41 -1.23
N TYR B 201 5.33 -2.49 -1.34
CA TYR B 201 5.66 -3.73 -0.65
C TYR B 201 6.91 -4.38 -1.26
N LEU B 202 7.00 -4.43 -2.60
CA LEU B 202 8.23 -4.90 -3.24
C LEU B 202 9.40 -4.02 -2.86
N HIS B 203 9.19 -2.70 -2.82
CA HIS B 203 10.26 -1.81 -2.41
C HIS B 203 10.68 -2.09 -0.96
N ALA B 204 9.72 -2.20 -0.08
CA ALA B 204 10.02 -2.48 1.32
C ALA B 204 10.73 -3.81 1.45
N THR B 205 10.37 -4.79 0.63
CA THR B 205 11.02 -6.10 0.66
C THR B 205 12.47 -6.00 0.18
N ALA B 206 12.73 -5.18 -0.86
CA ALA B 206 14.11 -4.97 -1.28
C ALA B 206 14.94 -4.39 -0.14
N VAL B 207 14.39 -3.39 0.55
CA VAL B 207 15.13 -2.79 1.66
C VAL B 207 15.38 -3.83 2.74
N ALA B 208 14.38 -4.67 3.02
CA ALA B 208 14.52 -5.70 4.05
C ALA B 208 15.64 -6.67 3.70
N GLN B 209 15.60 -7.25 2.49
CA GLN B 209 16.62 -8.22 2.11
C GLN B 209 18.02 -7.63 2.19
N ALA B 210 18.22 -6.40 1.71
CA ALA B 210 19.55 -5.80 1.75
C ALA B 210 20.07 -5.67 3.17
N ASN B 211 19.17 -5.62 4.17
CA ASN B 211 19.57 -5.59 5.57
C ASN B 211 19.48 -6.97 6.21
N GLY B 212 19.37 -8.02 5.39
CA GLY B 212 19.46 -9.37 5.90
C GLY B 212 18.21 -10.01 6.49
N ILE B 213 17.00 -9.49 6.25
CA ILE B 213 15.80 -10.21 6.64
C ILE B 213 15.09 -10.68 5.38
N THR B 214 14.58 -11.91 5.41
CA THR B 214 14.02 -12.52 4.22
C THR B 214 12.59 -12.03 3.96
N ALA B 215 12.12 -12.29 2.74
CA ALA B 215 10.73 -12.01 2.42
C ALA B 215 9.78 -12.80 3.32
N GLU B 216 10.19 -13.99 3.76
CA GLU B 216 9.32 -14.80 4.62
C GLU B 216 9.24 -14.19 6.03
N GLN B 217 10.36 -13.71 6.57
CA GLN B 217 10.31 -13.05 7.87
C GLN B 217 9.53 -11.74 7.83
N PHE B 218 9.59 -11.03 6.70
CA PHE B 218 8.90 -9.76 6.59
C PHE B 218 7.38 -9.93 6.40
N LEU B 219 6.91 -11.07 5.91
CA LEU B 219 5.49 -11.23 5.57
C LEU B 219 4.54 -10.75 6.68
N PRO B 220 4.62 -11.22 7.92
CA PRO B 220 3.58 -10.78 8.89
C PRO B 220 3.59 -9.29 9.09
N TYR B 221 4.75 -8.64 8.96
CA TYR B 221 4.84 -7.20 9.15
C TYR B 221 4.23 -6.45 7.97
N ALA B 222 4.46 -6.92 6.75
CA ALA B 222 3.84 -6.29 5.61
C ALA B 222 2.33 -6.52 5.62
N ALA B 223 1.90 -7.70 6.05
CA ALA B 223 0.47 -8.00 6.17
C ALA B 223 -0.21 -7.09 7.18
N GLU B 224 0.37 -6.91 8.38
CA GLU B 224 -0.31 -6.05 9.35
C GLU B 224 -0.45 -4.64 8.81
N THR B 225 0.63 -4.09 8.22
CA THR B 225 0.56 -2.73 7.69
C THR B 225 -0.58 -2.61 6.68
N MET B 226 -0.63 -3.50 5.69
CA MET B 226 -1.65 -3.37 4.67
C MET B 226 -3.04 -3.60 5.24
N SER B 227 -3.17 -4.49 6.23
CA SER B 227 -4.48 -4.73 6.84
C SER B 227 -4.89 -3.64 7.84
N SER B 228 -3.96 -2.75 8.23
CA SER B 228 -4.27 -1.64 9.13
C SER B 228 -4.82 -0.42 8.41
N LEU B 229 -4.66 -0.35 7.07
CA LEU B 229 -5.02 0.85 6.30
C LEU B 229 -6.52 1.14 6.29
N PRO B 230 -7.40 0.12 6.23
CA PRO B 230 -8.84 0.41 6.30
C PRO B 230 -9.22 1.26 7.50
N LYS B 231 -8.62 1.00 8.66
CA LYS B 231 -8.89 1.82 9.83
C LYS B 231 -8.60 3.30 9.57
N PHE B 232 -7.48 3.59 8.87
CA PHE B 232 -7.12 4.97 8.61
C PHE B 232 -8.03 5.58 7.56
N ILE B 233 -8.41 4.80 6.57
CA ILE B 233 -9.32 5.29 5.54
C ILE B 233 -10.68 5.61 6.14
N GLU B 234 -11.23 4.69 6.93
CA GLU B 234 -12.49 4.97 7.61
C GLU B 234 -12.39 6.18 8.53
N PHE B 235 -11.23 6.40 9.15
CA PHE B 235 -11.13 7.54 10.05
C PHE B 235 -11.07 8.87 9.29
N TYR B 236 -10.36 8.90 8.15
CA TYR B 236 -10.11 10.14 7.42
C TYR B 236 -11.19 10.47 6.39
N THR B 237 -11.82 9.49 5.82
CA THR B 237 -12.84 9.70 4.80
C THR B 237 -13.83 10.84 5.08
N PRO B 238 -14.52 10.85 6.23
CA PRO B 238 -15.48 11.95 6.47
C PRO B 238 -14.81 13.30 6.53
N ARG B 239 -13.57 13.36 7.02
CA ARG B 239 -12.88 14.64 7.00
C ARG B 239 -12.50 15.01 5.57
N ILE B 240 -11.97 14.05 4.83
CA ILE B 240 -11.68 14.29 3.42
C ILE B 240 -12.95 14.72 2.69
N ASN B 241 -14.05 14.02 2.94
CA ASN B 241 -15.31 14.36 2.29
C ASN B 241 -15.68 15.82 2.52
N ALA B 242 -15.36 16.36 3.70
CA ALA B 242 -15.72 17.73 4.05
C ALA B 242 -14.65 18.73 3.65
N GLY B 243 -13.58 18.28 2.98
CA GLY B 243 -12.50 19.19 2.66
C GLY B 243 -11.79 19.76 3.88
N GLU B 244 -11.82 19.06 5.02
CA GLU B 244 -11.17 19.52 6.24
C GLU B 244 -9.97 18.64 6.57
N TYR B 245 -8.86 19.28 6.97
CA TYR B 245 -7.60 18.62 7.22
C TYR B 245 -6.96 19.08 8.53
N PRO B 246 -7.70 19.05 9.63
CA PRO B 246 -7.11 19.45 10.90
C PRO B 246 -6.00 18.48 11.32
N GLY B 247 -4.99 19.02 11.98
CA GLY B 247 -3.88 18.23 12.44
C GLY B 247 -3.99 17.80 13.89
N ASP B 248 -5.20 17.38 14.30
CA ASP B 248 -5.39 17.01 15.71
C ASP B 248 -4.78 15.64 16.03
N VAL B 249 -4.66 14.75 15.06
CA VAL B 249 -4.07 13.42 15.29
C VAL B 249 -2.81 13.17 14.48
N ASP B 250 -2.48 14.01 13.49
CA ASP B 250 -1.19 13.87 12.82
C ASP B 250 -0.82 15.21 12.20
N ARG B 251 0.48 15.43 12.02
CA ARG B 251 0.94 16.68 11.39
C ARG B 251 1.76 16.39 10.14
N LEU B 252 1.40 17.02 9.02
CA LEU B 252 2.14 16.91 7.77
C LEU B 252 3.64 17.00 7.98
N ALA B 253 4.09 17.90 8.86
CA ALA B 253 5.52 18.05 9.09
C ALA B 253 6.15 16.74 9.61
N MET B 254 5.64 16.21 10.73
CA MET B 254 6.08 14.88 11.18
C MET B 254 5.99 13.85 10.08
N GLY B 255 4.88 13.87 9.33
CA GLY B 255 4.79 13.04 8.15
C GLY B 255 6.01 13.18 7.28
N MET B 256 6.34 14.41 6.89
CA MET B 256 7.47 14.63 6.00
C MET B 256 8.77 14.11 6.59
N ALA B 257 9.08 14.49 7.83
CA ALA B 257 10.28 13.98 8.47
C ALA B 257 10.32 12.47 8.39
N SER B 258 9.16 11.85 8.60
CA SER B 258 9.11 10.40 8.56
C SER B 258 9.39 9.87 7.16
N VAL B 259 8.88 10.54 6.12
CA VAL B 259 9.21 10.08 4.77
C VAL B 259 10.68 10.30 4.47
N GLU B 260 11.29 11.32 5.05
CA GLU B 260 12.70 11.54 4.80
C GLU B 260 13.54 10.41 5.37
N HIS B 261 13.14 9.91 6.54
CA HIS B 261 13.79 8.76 7.15
C HIS B 261 13.66 7.51 6.29
N VAL B 262 12.53 7.36 5.59
CA VAL B 262 12.37 6.24 4.67
C VAL B 262 13.31 6.37 3.48
N VAL B 263 13.41 7.57 2.91
CA VAL B 263 14.30 7.75 1.76
C VAL B 263 15.74 7.48 2.16
N HIS B 264 16.19 8.03 3.31
CA HIS B 264 17.57 7.79 3.73
C HIS B 264 17.81 6.33 4.09
N THR B 265 16.84 5.68 4.75
CA THR B 265 16.96 4.24 4.99
C THR B 265 17.20 3.51 3.67
N THR B 266 16.45 3.87 2.64
CA THR B 266 16.53 3.18 1.36
C THR B 266 17.90 3.38 0.71
N GLN B 267 18.39 4.63 0.70
CA GLN B 267 19.69 4.91 0.08
C GLN B 267 20.81 4.19 0.81
N ASP B 268 20.79 4.22 2.15
CA ASP B 268 21.82 3.52 2.92
C ASP B 268 21.82 2.03 2.60
N ALA B 269 20.66 1.47 2.28
CA ALA B 269 20.59 0.06 1.92
C ALA B 269 21.00 -0.18 0.47
N GLY B 270 21.36 0.85 -0.29
CA GLY B 270 21.68 0.63 -1.69
C GLY B 270 20.50 0.35 -2.61
N ILE B 271 19.29 0.78 -2.23
CA ILE B 271 18.07 0.47 -2.98
C ILE B 271 17.60 1.70 -3.75
N ASP B 272 17.02 1.46 -4.93
CA ASP B 272 16.49 2.54 -5.75
C ASP B 272 15.53 3.42 -4.94
N ILE B 273 15.64 4.74 -5.09
CA ILE B 273 14.90 5.66 -4.24
C ILE B 273 13.78 6.38 -4.97
N THR B 274 13.49 6.02 -6.23
CA THR B 274 12.59 6.85 -7.05
C THR B 274 11.15 6.79 -6.54
N LEU B 275 10.68 5.62 -6.13
CA LEU B 275 9.31 5.53 -5.59
C LEU B 275 9.16 6.37 -4.32
N PRO B 276 9.94 6.14 -3.25
CA PRO B 276 9.75 6.96 -2.05
C PRO B 276 10.07 8.44 -2.26
N THR B 277 10.99 8.75 -3.18
CA THR B 277 11.25 10.14 -3.53
C THR B 277 10.01 10.79 -4.12
N ALA B 278 9.29 10.07 -4.97
CA ALA B 278 8.04 10.61 -5.47
C ALA B 278 7.07 10.92 -4.33
N VAL B 279 7.02 10.05 -3.32
CA VAL B 279 6.25 10.31 -2.11
C VAL B 279 6.75 11.58 -1.41
N LEU B 280 8.06 11.68 -1.25
CA LEU B 280 8.61 12.82 -0.52
C LEU B 280 8.27 14.14 -1.23
N GLU B 281 8.27 14.13 -2.57
CA GLU B 281 7.97 15.33 -3.36
C GLU B 281 6.56 15.81 -3.10
N VAL B 282 5.58 14.91 -3.11
CA VAL B 282 4.22 15.34 -2.75
C VAL B 282 4.21 15.97 -1.35
N PHE B 283 4.89 15.36 -0.37
CA PHE B 283 4.96 15.98 0.95
C PHE B 283 5.59 17.37 0.87
N ARG B 284 6.71 17.50 0.13
CA ARG B 284 7.39 18.79 0.04
C ARG B 284 6.43 19.86 -0.50
N ARG B 285 5.67 19.55 -1.54
CA ARG B 285 4.76 20.55 -2.07
C ARG B 285 3.70 20.95 -1.03
N GLY B 286 3.18 19.98 -0.28
CA GLY B 286 2.26 20.33 0.78
C GLY B 286 2.87 21.29 1.77
N MET B 287 4.11 21.02 2.18
CA MET B 287 4.74 21.89 3.18
C MET B 287 4.85 23.32 2.67
N GLU B 288 5.18 23.48 1.39
CA GLU B 288 5.38 24.83 0.88
C GLU B 288 4.08 25.56 0.61
N ASN B 289 2.98 24.83 0.44
CA ASN B 289 1.65 25.43 0.39
C ASN B 289 1.07 25.74 1.78
N GLY B 290 1.89 25.70 2.83
CA GLY B 290 1.44 26.08 4.17
C GLY B 290 0.70 25.04 4.99
N HIS B 291 0.77 23.77 4.63
CA HIS B 291 -0.04 22.77 5.32
C HIS B 291 0.71 22.08 6.44
N ALA B 292 1.87 22.59 6.85
CA ALA B 292 2.72 21.90 7.82
C ALA B 292 1.95 21.55 9.09
N GLY B 293 1.03 22.41 9.53
CA GLY B 293 0.23 22.13 10.72
C GLY B 293 -1.04 21.33 10.48
N ASN B 294 -1.39 21.07 9.22
CA ASN B 294 -2.54 20.26 8.87
C ASN B 294 -2.21 18.78 8.91
N SER B 295 -3.26 17.97 8.75
CA SER B 295 -3.10 16.54 8.55
C SER B 295 -2.45 16.26 7.19
N PHE B 296 -1.62 15.21 7.14
CA PHE B 296 -1.04 14.82 5.87
C PHE B 296 -2.13 14.56 4.82
N THR B 297 -3.36 14.25 5.23
CA THR B 297 -4.41 14.05 4.25
C THR B 297 -4.67 15.30 3.43
N SER B 298 -4.20 16.48 3.88
CA SER B 298 -4.29 17.68 3.06
C SER B 298 -3.54 17.53 1.73
N LEU B 299 -2.65 16.56 1.60
CA LEU B 299 -1.93 16.38 0.33
C LEU B 299 -2.86 16.03 -0.82
N ILE B 300 -4.10 15.63 -0.55
CA ILE B 300 -5.03 15.40 -1.64
C ILE B 300 -5.23 16.70 -2.41
N GLU B 301 -5.14 17.82 -1.71
CA GLU B 301 -5.18 19.12 -2.38
C GLU B 301 -4.01 19.26 -3.35
N ILE B 302 -2.82 18.75 -2.99
CA ILE B 302 -1.71 18.78 -3.93
C ILE B 302 -2.02 17.93 -5.14
N PHE B 303 -2.65 16.76 -4.94
CA PHE B 303 -3.06 15.95 -6.09
C PHE B 303 -4.08 16.65 -6.97
N LYS B 304 -4.92 17.51 -6.40
CA LYS B 304 -5.85 18.27 -7.23
C LYS B 304 -5.21 19.51 -7.86
N LYS B 305 -3.89 19.60 -7.81
CA LYS B 305 -3.14 20.66 -8.53
C LYS B 305 -3.52 22.03 -7.98
N SER B 306 -3.50 22.16 -6.67
CA SER B 306 -3.76 23.44 -6.04
C SER B 306 -2.48 24.24 -5.84
C1 PEG C . -2.58 -10.06 -9.85
O1 PEG C . -1.54 -9.28 -10.45
C2 PEG C . -2.09 -11.48 -9.63
O2 PEG C . -3.00 -12.16 -8.77
C3 PEG C . -2.49 -13.42 -8.37
C4 PEG C . -3.33 -13.96 -7.21
O4 PEG C . -4.68 -14.08 -7.62
H11 PEG C . -3.46 -10.06 -10.50
H12 PEG C . -2.86 -9.62 -8.89
HO1 PEG C . -1.86 -8.37 -10.59
H21 PEG C . -1.09 -11.46 -9.19
H22 PEG C . -2.04 -12.01 -10.59
H31 PEG C . -1.45 -13.32 -8.06
H32 PEG C . -2.53 -14.12 -9.21
H41 PEG C . -3.25 -13.29 -6.36
H42 PEG C . -2.94 -14.94 -6.91
HO4 PEG C . -4.74 -14.67 -8.39
O1 P4C D . 2.54 6.19 12.65
C2 P4C D . 1.60 5.76 11.71
C3 P4C D . 0.22 6.24 12.01
O4 P4C D . 0.14 7.63 11.77
C5 P4C D . -0.28 7.93 10.44
C6 P4C D . -0.81 9.33 10.39
O7 P4C D . -1.25 9.72 11.68
C8 P4C D . -2.37 8.97 12.15
C9 P4C D . -2.24 8.79 13.64
O10 P4C D . -3.35 8.07 14.16
C11 P4C D . -4.58 8.78 14.05
C12 P4C D . -5.44 8.09 13.05
O13 P4C D . -5.83 6.84 13.57
C14 P4C D . -7.24 6.75 13.78
C15 P4C D . -7.67 7.66 14.88
O16 P4C D . -7.13 7.22 16.12
C17 P4C D . -7.14 8.25 17.11
C18 P4C D . -8.51 8.86 17.22
O19 P4C D . -8.51 9.87 18.20
C20 P4C D . -8.62 9.39 19.53
C21 P4C D . -8.89 10.51 20.49
O22 P4C D . -9.06 10.31 21.64
HO1 P4C D . 2.54 7.17 12.68
H21A P4C D . 1.59 4.66 11.68
H22 P4C D . 1.88 6.11 10.72
H31 P4C D . -0.02 6.03 13.05
H32 P4C D . -0.51 5.71 11.39
H51 P4C D . -1.05 7.24 10.13
H52 P4C D . 0.57 7.84 9.77
H61 P4C D . -1.64 9.37 9.69
H62 P4C D . -0.04 10.01 10.05
H81 P4C D . -2.41 8.00 11.67
H82 P4C D . -3.29 9.51 11.93
H91 P4C D . -2.18 9.77 14.11
H92 P4C D . -1.32 8.26 13.86
H111 P4C D . -4.38 9.81 13.73
H112 P4C D . -5.08 8.81 15.02
H121 P4C D . -4.88 7.95 12.12
H122 P4C D . -6.31 8.71 12.82
H141 P4C D . -7.51 5.72 14.04
H142 P4C D . -7.76 7.01 12.86
H151 P4C D . -8.75 7.68 14.93
H152 P4C D . -7.32 8.67 14.66
H171 P4C D . -6.42 9.02 16.85
H172 P4C D . -6.86 7.83 18.07
H181 P4C D . -9.23 8.09 17.48
H182 P4C D . -8.80 9.29 16.26
H201 P4C D . -7.70 8.88 19.81
H202 P4C D . -9.44 8.67 19.59
H21 P4C D . -8.91 11.51 20.08
#